data_9EJP
#
_entry.id   9EJP
#
_cell.length_a   77.613
_cell.length_b   132.547
_cell.length_c   119.797
_cell.angle_alpha   90.00
_cell.angle_beta   90.00
_cell.angle_gamma   90.00
#
_symmetry.space_group_name_H-M   'C 2 2 21'
#
loop_
_entity.id
_entity.type
_entity.pdbx_description
1 polymer 'WD repeat-containing protein 91'
2 non-polymer N-[(5R)-1,1-dioxo-2,3,4,5-tetrahydro-1H-1lambda~6~-benzothiepin-5-yl]-2-hydroxyquinoxaline-6-carboxamide
3 non-polymer 'UNKNOWN ATOM OR ION'
4 water water
#
_entity_poly.entity_id   1
_entity_poly.type   'polypeptide(L)'
_entity_poly.pdbx_seq_one_letter_code
;MHHHHHHSSGRENLYFQGPEQPFIVLGQEEYGEHHSSIMHCRVDCSGRRVASLDVDGVIKVWSFNPIMQTKASSISKSPL
LSLEWATKRDRLLLLGSGVGTVRLYDTEAKKNLCEININDNMPRILSLACSPNGASFVCSAAAPSLTSQVDFSAPDIGSK
GMNQVPGRLLLWDTKTMKQQLQFSLDPEPIAINCTAFNHNGNLLVTGAADGVIRLFDMQQHECAMSWRAHYGEVYSVEFS
YDENTVYSIGEDGKFIQWNIHKSGLKVSEYSLPSDATGPFVLSGYSGYKQVQVPRGRLFAFDSEGNYMLTCSATGGVIYK
LGGDEKVLESCLSLGGHRAPVVTVDWSTAMDCGTCLTASMDGKIKLTTLLAHKA
;
_entity_poly.pdbx_strand_id   A
#
# COMPACT_ATOMS: atom_id res chain seq x y z
N GLN A 21 -8.36 8.12 -25.56
CA GLN A 21 -9.16 7.41 -24.52
C GLN A 21 -8.79 5.93 -24.52
N PRO A 22 -7.77 5.52 -23.72
CA PRO A 22 -7.47 4.09 -23.52
C PRO A 22 -8.35 3.37 -22.50
N PHE A 23 -9.23 4.13 -21.84
CA PHE A 23 -10.24 3.58 -20.94
C PHE A 23 -11.55 4.32 -21.14
N ILE A 24 -12.68 3.65 -20.88
CA ILE A 24 -13.97 4.30 -20.77
C ILE A 24 -14.42 4.31 -19.31
N VAL A 25 -14.89 5.47 -18.84
CA VAL A 25 -15.37 5.64 -17.49
C VAL A 25 -16.85 5.26 -17.45
N LEU A 26 -17.15 4.07 -16.93
CA LEU A 26 -18.53 3.62 -16.80
C LEU A 26 -19.23 4.30 -15.62
N GLY A 27 -18.47 4.92 -14.70
CA GLY A 27 -19.10 5.69 -13.64
C GLY A 27 -18.22 5.87 -12.40
N GLN A 28 -18.75 6.65 -11.45
CA GLN A 28 -18.03 7.05 -10.27
C GLN A 28 -19.03 7.22 -9.13
N GLU A 29 -18.97 6.33 -8.15
CA GLU A 29 -19.77 6.43 -6.94
C GLU A 29 -18.87 6.84 -5.77
N GLU A 30 -19.48 7.09 -4.62
CA GLU A 30 -18.77 7.54 -3.44
C GLU A 30 -19.18 6.68 -2.25
N TYR A 31 -18.18 6.11 -1.56
CA TYR A 31 -18.38 5.48 -0.25
C TYR A 31 -17.96 6.47 0.83
N GLY A 32 -18.91 6.82 1.72
CA GLY A 32 -18.77 7.98 2.59
C GLY A 32 -19.04 7.65 4.05
N GLU A 33 -18.81 6.40 4.46
CA GLU A 33 -19.07 5.94 5.82
C GLU A 33 -17.94 6.31 6.79
N HIS A 34 -16.74 6.57 6.27
CA HIS A 34 -15.63 7.04 7.11
C HIS A 34 -15.83 8.54 7.34
N HIS A 35 -15.57 8.98 8.59
CA HIS A 35 -15.71 10.39 8.95
C HIS A 35 -14.34 11.02 9.21
N SER A 36 -13.27 10.24 9.08
CA SER A 36 -11.91 10.72 9.22
C SER A 36 -11.06 10.30 8.03
N SER A 37 -9.94 11.02 7.84
CA SER A 37 -9.01 10.77 6.76
C SER A 37 -8.69 9.29 6.64
N ILE A 38 -8.63 8.83 5.38
CA ILE A 38 -8.39 7.43 5.05
C ILE A 38 -6.89 7.15 5.19
N MET A 39 -6.58 6.00 5.77
CA MET A 39 -5.21 5.53 5.85
C MET A 39 -4.94 4.54 4.72
N HIS A 40 -5.81 3.54 4.61
CA HIS A 40 -5.65 2.46 3.64
C HIS A 40 -7.01 2.13 3.03
N CYS A 41 -7.01 1.74 1.75
CA CYS A 41 -8.17 1.10 1.16
C CYS A 41 -7.68 0.15 0.09
N ARG A 42 -7.97 -1.13 0.29
CA ARG A 42 -7.50 -2.19 -0.58
C ARG A 42 -8.69 -3.07 -0.96
N VAL A 43 -8.74 -3.45 -2.23
CA VAL A 43 -9.67 -4.43 -2.74
C VAL A 43 -9.12 -5.83 -2.45
N ASP A 44 -10.01 -6.75 -2.07
CA ASP A 44 -9.64 -8.12 -1.77
C ASP A 44 -9.25 -8.89 -3.03
N CYS A 45 -8.82 -10.14 -2.86
CA CYS A 45 -8.27 -10.91 -3.96
C CYS A 45 -9.34 -11.35 -4.96
N SER A 46 -10.60 -11.42 -4.52
CA SER A 46 -11.70 -11.77 -5.41
C SER A 46 -12.04 -10.57 -6.29
N GLY A 47 -11.71 -9.37 -5.82
CA GLY A 47 -11.97 -8.16 -6.58
C GLY A 47 -13.37 -7.62 -6.29
N ARG A 48 -13.96 -8.13 -5.21
CA ARG A 48 -15.36 -7.87 -4.90
C ARG A 48 -15.51 -7.04 -3.63
N ARG A 49 -14.48 -6.98 -2.78
CA ARG A 49 -14.62 -6.37 -1.46
C ARG A 49 -13.53 -5.33 -1.24
N VAL A 50 -13.86 -4.31 -0.45
CA VAL A 50 -12.93 -3.27 -0.06
C VAL A 50 -12.80 -3.32 1.46
N ALA A 51 -11.55 -3.24 1.92
CA ALA A 51 -11.24 -2.98 3.32
C ALA A 51 -10.57 -1.62 3.39
N SER A 52 -11.19 -0.71 4.15
CA SER A 52 -10.69 0.63 4.31
C SER A 52 -10.51 0.93 5.80
N LEU A 53 -9.49 1.72 6.13
CA LEU A 53 -9.13 2.06 7.49
C LEU A 53 -8.87 3.56 7.52
N ASP A 54 -9.51 4.25 8.48
CA ASP A 54 -9.27 5.67 8.68
C ASP A 54 -8.35 5.90 9.88
N VAL A 55 -8.00 7.16 10.12
CA VAL A 55 -7.03 7.55 11.14
C VAL A 55 -7.63 7.48 12.56
N ASP A 56 -8.95 7.25 12.69
CA ASP A 56 -9.56 7.02 13.99
C ASP A 56 -9.66 5.53 14.32
N GLY A 57 -8.98 4.68 13.53
CA GLY A 57 -8.97 3.25 13.80
C GLY A 57 -10.26 2.53 13.35
N VAL A 58 -11.12 3.21 12.58
CA VAL A 58 -12.31 2.56 12.07
C VAL A 58 -11.95 1.73 10.83
N ILE A 59 -12.27 0.43 10.89
CA ILE A 59 -12.14 -0.49 9.77
C ILE A 59 -13.53 -0.78 9.21
N LYS A 60 -13.67 -0.62 7.88
CA LYS A 60 -14.90 -0.95 7.17
C LYS A 60 -14.60 -1.97 6.08
N VAL A 61 -15.49 -2.95 5.94
CA VAL A 61 -15.44 -3.88 4.83
C VAL A 61 -16.74 -3.72 4.05
N TRP A 62 -16.63 -3.57 2.72
CA TRP A 62 -17.80 -3.24 1.92
C TRP A 62 -17.67 -3.78 0.50
N SER A 63 -18.83 -4.10 -0.10
CA SER A 63 -18.92 -4.45 -1.51
C SER A 63 -19.35 -3.21 -2.27
N PHE A 64 -19.24 -3.26 -3.59
CA PHE A 64 -19.58 -2.12 -4.41
C PHE A 64 -20.25 -2.54 -5.72
N ASN A 65 -20.19 -3.84 -6.04
CA ASN A 65 -20.69 -4.33 -7.30
C ASN A 65 -21.83 -5.29 -6.98
N PRO A 66 -23.12 -4.91 -7.23
CA PRO A 66 -23.46 -3.74 -8.03
C PRO A 66 -23.74 -2.42 -7.33
N ILE A 67 -23.99 -2.47 -6.01
CA ILE A 67 -24.11 -1.25 -5.21
C ILE A 67 -23.12 -1.30 -4.05
N MET A 68 -22.92 -0.13 -3.43
CA MET A 68 -22.17 -0.06 -2.19
C MET A 68 -23.03 -0.59 -1.06
N GLN A 69 -22.48 -1.53 -0.29
CA GLN A 69 -23.04 -1.82 1.01
C GLN A 69 -21.94 -2.32 1.94
N THR A 70 -22.14 -2.02 3.22
CA THR A 70 -21.20 -2.30 4.29
C THR A 70 -21.52 -3.66 4.88
N LYS A 71 -20.49 -4.50 4.98
CA LYS A 71 -20.63 -5.86 5.47
C LYS A 71 -20.13 -5.95 6.91
N ALA A 72 -19.24 -5.03 7.30
CA ALA A 72 -18.66 -5.02 8.63
C ALA A 72 -18.10 -3.65 8.95
N SER A 73 -18.22 -3.27 10.22
CA SER A 73 -17.72 -2.00 10.71
C SER A 73 -17.29 -2.19 12.16
N SER A 74 -16.19 -1.54 12.55
CA SER A 74 -15.68 -1.64 13.91
C SER A 74 -14.68 -0.52 14.20
N ILE A 75 -14.72 -0.03 15.44
CA ILE A 75 -13.70 0.85 16.00
C ILE A 75 -12.66 -0.02 16.68
N SER A 76 -11.39 0.15 16.31
CA SER A 76 -10.30 -0.48 17.03
C SER A 76 -10.01 0.35 18.28
N LYS A 77 -9.75 -0.33 19.41
CA LYS A 77 -9.29 0.35 20.62
C LYS A 77 -7.84 0.77 20.40
N SER A 78 -7.03 -0.20 19.95
CA SER A 78 -5.65 0.01 19.56
C SER A 78 -5.57 0.80 18.26
N PRO A 79 -4.52 1.64 18.05
CA PRO A 79 -4.25 2.22 16.74
C PRO A 79 -3.96 1.15 15.70
N LEU A 80 -4.49 1.31 14.49
CA LEU A 80 -4.24 0.37 13.40
C LEU A 80 -3.43 1.09 12.32
N LEU A 81 -2.35 0.45 11.87
CA LEU A 81 -1.41 1.07 10.93
C LEU A 81 -1.40 0.36 9.58
N SER A 82 -1.76 -0.93 9.52
CA SER A 82 -1.63 -1.67 8.29
C SER A 82 -2.75 -2.69 8.13
N LEU A 83 -2.93 -3.12 6.88
CA LEU A 83 -4.04 -3.95 6.47
C LEU A 83 -3.60 -4.68 5.19
N GLU A 84 -3.94 -5.97 5.10
CA GLU A 84 -3.58 -6.79 3.95
C GLU A 84 -4.55 -7.96 3.86
N TRP A 85 -5.10 -8.17 2.67
CA TRP A 85 -5.95 -9.32 2.38
C TRP A 85 -5.13 -10.60 2.24
N ALA A 86 -5.70 -11.71 2.72
CA ALA A 86 -5.14 -13.03 2.51
C ALA A 86 -5.38 -13.47 1.07
N THR A 87 -4.49 -14.32 0.55
CA THR A 87 -4.47 -14.66 -0.86
C THR A 87 -5.23 -15.95 -1.17
N LYS A 88 -5.44 -16.83 -0.17
CA LYS A 88 -6.04 -18.13 -0.43
C LYS A 88 -7.33 -18.34 0.36
N ARG A 89 -7.81 -17.30 1.05
N ARG A 89 -7.82 -17.27 0.99
CA ARG A 89 -9.13 -17.29 1.62
CA ARG A 89 -9.10 -17.27 1.67
C ARG A 89 -9.62 -15.84 1.62
C ARG A 89 -9.63 -15.84 1.63
N ASP A 90 -10.40 -15.52 0.59
CA ASP A 90 -10.82 -14.16 0.28
C ASP A 90 -11.28 -13.39 1.50
N ARG A 91 -11.95 -14.09 2.44
CA ARG A 91 -12.66 -13.47 3.54
C ARG A 91 -11.70 -13.00 4.65
N LEU A 92 -10.44 -13.47 4.65
CA LEU A 92 -9.53 -13.20 5.75
C LEU A 92 -8.73 -11.92 5.50
N LEU A 93 -8.59 -11.11 6.56
CA LEU A 93 -7.91 -9.84 6.51
C LEU A 93 -6.87 -9.79 7.64
N LEU A 94 -5.61 -9.51 7.29
CA LEU A 94 -4.59 -9.24 8.28
C LEU A 94 -4.61 -7.76 8.64
N LEU A 95 -4.46 -7.47 9.93
CA LEU A 95 -4.42 -6.11 10.44
C LEU A 95 -3.21 -5.94 11.36
N GLY A 96 -2.43 -4.88 11.13
CA GLY A 96 -1.28 -4.58 11.95
C GLY A 96 -1.56 -3.34 12.81
N SER A 97 -1.23 -3.43 14.10
CA SER A 97 -1.54 -2.39 15.06
C SER A 97 -0.32 -1.50 15.29
N GLY A 98 -0.56 -0.40 16.01
CA GLY A 98 0.49 0.41 16.59
C GLY A 98 0.88 -0.05 18.01
N VAL A 99 0.46 -1.27 18.41
CA VAL A 99 0.81 -1.80 19.72
C VAL A 99 1.42 -3.18 19.57
N GLY A 100 2.12 -3.41 18.46
CA GLY A 100 2.93 -4.60 18.32
C GLY A 100 2.12 -5.87 18.15
N THR A 101 0.91 -5.77 17.57
CA THR A 101 0.10 -6.97 17.33
C THR A 101 -0.26 -7.10 15.85
N VAL A 102 -0.40 -8.35 15.42
CA VAL A 102 -1.02 -8.69 14.15
C VAL A 102 -2.27 -9.50 14.46
N ARG A 103 -3.41 -9.11 13.89
N ARG A 103 -3.42 -9.10 13.90
CA ARG A 103 -4.65 -9.84 14.10
CA ARG A 103 -4.64 -9.86 14.10
C ARG A 103 -5.17 -10.33 12.76
C ARG A 103 -5.17 -10.33 12.76
N LEU A 104 -5.74 -11.54 12.78
CA LEU A 104 -6.41 -12.11 11.63
C LEU A 104 -7.91 -11.93 11.85
N TYR A 105 -8.56 -11.21 10.93
CA TYR A 105 -9.98 -10.89 11.01
C TYR A 105 -10.72 -11.65 9.92
N ASP A 106 -11.75 -12.41 10.34
CA ASP A 106 -12.68 -13.04 9.42
C ASP A 106 -13.79 -12.04 9.09
N THR A 107 -13.86 -11.59 7.83
CA THR A 107 -14.79 -10.53 7.45
C THR A 107 -16.19 -11.11 7.24
N GLU A 108 -16.29 -12.43 7.02
CA GLU A 108 -17.60 -13.09 6.89
C GLU A 108 -18.20 -13.25 8.29
N ALA A 109 -17.49 -13.96 9.16
CA ALA A 109 -17.92 -14.21 10.53
C ALA A 109 -17.85 -12.95 11.41
N LYS A 110 -17.13 -11.91 10.97
CA LYS A 110 -17.06 -10.65 11.69
C LYS A 110 -16.49 -10.85 13.10
N LYS A 111 -15.33 -11.50 13.20
CA LYS A 111 -14.65 -11.68 14.47
C LYS A 111 -13.18 -12.02 14.23
N ASN A 112 -12.34 -11.73 15.22
CA ASN A 112 -10.92 -12.02 15.15
C ASN A 112 -10.66 -13.51 15.38
N LEU A 113 -10.01 -14.17 14.41
CA LEU A 113 -9.61 -15.56 14.54
C LEU A 113 -8.41 -15.67 15.47
N CYS A 114 -7.48 -14.71 15.43
CA CYS A 114 -6.44 -14.65 16.45
C CYS A 114 -5.78 -13.27 16.44
N GLU A 115 -4.96 -13.06 17.49
CA GLU A 115 -4.18 -11.85 17.64
C GLU A 115 -2.84 -12.26 18.22
N ILE A 116 -1.76 -12.04 17.47
CA ILE A 116 -0.44 -12.42 17.94
C ILE A 116 0.33 -11.17 18.34
N ASN A 117 1.03 -11.27 19.47
CA ASN A 117 1.86 -10.19 19.98
C ASN A 117 3.25 -10.36 19.37
N ILE A 118 3.88 -9.24 18.98
CA ILE A 118 5.29 -9.24 18.61
C ILE A 118 6.09 -8.97 19.89
N ASN A 119 6.68 -10.06 20.43
CA ASN A 119 7.51 -10.00 21.62
C ASN A 119 8.79 -9.25 21.28
N ASP A 120 8.71 -7.91 21.30
CA ASP A 120 9.79 -7.06 20.86
C ASP A 120 9.55 -5.62 21.33
N ASN A 121 10.48 -4.74 20.92
CA ASN A 121 10.48 -3.34 21.28
C ASN A 121 9.99 -2.47 20.11
N MET A 122 9.29 -3.08 19.16
CA MET A 122 9.00 -2.48 17.86
C MET A 122 7.50 -2.46 17.64
N PRO A 123 6.72 -1.54 18.24
CA PRO A 123 5.26 -1.65 18.18
C PRO A 123 4.51 -1.31 16.88
N ARG A 124 5.15 -0.57 15.97
CA ARG A 124 4.45 -0.05 14.79
C ARG A 124 4.53 -1.06 13.65
N ILE A 125 3.41 -1.75 13.39
CA ILE A 125 3.36 -2.72 12.31
C ILE A 125 3.04 -1.95 11.02
N LEU A 126 4.08 -1.51 10.31
CA LEU A 126 3.90 -0.50 9.27
C LEU A 126 3.40 -1.13 7.96
N SER A 127 3.74 -2.40 7.71
CA SER A 127 3.46 -3.03 6.43
C SER A 127 3.18 -4.51 6.61
N LEU A 128 2.27 -5.05 5.81
CA LEU A 128 1.94 -6.47 5.80
C LEU A 128 1.91 -6.93 4.35
N ALA A 129 2.48 -8.10 4.07
CA ALA A 129 2.34 -8.69 2.74
C ALA A 129 2.08 -10.18 2.87
N CYS A 130 0.98 -10.63 2.25
CA CYS A 130 0.67 -12.05 2.21
C CYS A 130 1.27 -12.66 0.96
N SER A 131 1.91 -13.82 1.09
CA SER A 131 2.52 -14.46 -0.06
C SER A 131 1.41 -14.94 -0.99
N PRO A 132 1.63 -14.93 -2.33
CA PRO A 132 0.64 -15.43 -3.28
C PRO A 132 0.12 -16.84 -3.00
N ASN A 133 0.99 -17.72 -2.48
CA ASN A 133 0.61 -19.11 -2.27
C ASN A 133 -0.11 -19.28 -0.94
N GLY A 134 -0.16 -18.22 -0.13
CA GLY A 134 -0.99 -18.23 1.06
C GLY A 134 -0.29 -18.82 2.29
N ALA A 135 0.90 -19.40 2.11
CA ALA A 135 1.57 -20.13 3.18
C ALA A 135 2.35 -19.23 4.14
N SER A 136 2.71 -18.00 3.73
CA SER A 136 3.45 -17.11 4.62
C SER A 136 2.97 -15.67 4.48
N PHE A 137 3.31 -14.85 5.48
CA PHE A 137 3.21 -13.42 5.31
C PHE A 137 4.41 -12.77 5.99
N VAL A 138 4.67 -11.51 5.60
CA VAL A 138 5.73 -10.74 6.21
C VAL A 138 5.08 -9.52 6.84
N CYS A 139 5.68 -9.01 7.91
CA CYS A 139 5.30 -7.69 8.38
C CYS A 139 6.56 -6.93 8.73
N SER A 140 6.46 -5.61 8.67
CA SER A 140 7.51 -4.77 9.21
C SER A 140 7.04 -4.31 10.58
N ALA A 141 7.99 -4.18 11.50
CA ALA A 141 7.70 -3.73 12.85
C ALA A 141 8.78 -2.72 13.25
N ALA A 142 8.38 -1.49 13.53
CA ALA A 142 9.32 -0.40 13.73
C ALA A 142 9.16 0.18 15.13
N ALA A 143 10.26 0.75 15.63
CA ALA A 143 10.27 1.49 16.88
C ALA A 143 9.40 2.75 16.74
N PRO A 144 9.06 3.43 17.86
CA PRO A 144 8.26 4.65 17.80
C PRO A 144 8.97 5.71 16.96
N SER A 145 8.19 6.56 16.29
CA SER A 145 8.72 7.74 15.64
C SER A 145 9.40 8.62 16.70
N LEU A 146 10.41 9.38 16.28
CA LEU A 146 11.09 10.34 17.14
C LEU A 146 10.20 11.56 17.37
N THR A 147 10.31 12.15 18.57
CA THR A 147 9.70 13.44 18.86
C THR A 147 10.42 14.51 18.05
N MET A 162 11.01 12.13 13.43
CA MET A 162 11.44 11.50 12.15
C MET A 162 11.23 9.99 12.23
N ASN A 163 11.20 9.35 11.05
CA ASN A 163 10.99 7.92 10.93
C ASN A 163 12.32 7.19 10.76
N GLN A 164 13.44 7.87 11.03
CA GLN A 164 14.76 7.27 10.96
C GLN A 164 15.02 6.43 12.21
N VAL A 165 14.19 5.42 12.42
CA VAL A 165 14.26 4.67 13.66
C VAL A 165 14.45 3.22 13.30
N PRO A 166 14.87 2.38 14.28
CA PRO A 166 15.06 0.96 14.03
C PRO A 166 13.75 0.30 13.60
N GLY A 167 13.88 -0.80 12.87
CA GLY A 167 12.74 -1.64 12.62
C GLY A 167 13.20 -3.03 12.24
N ARG A 168 12.24 -3.95 12.18
CA ARG A 168 12.52 -5.32 11.80
C ARG A 168 11.57 -5.72 10.69
N LEU A 169 11.90 -6.83 10.05
CA LEU A 169 11.09 -7.45 9.02
C LEU A 169 10.90 -8.91 9.37
N LEU A 170 9.65 -9.32 9.60
CA LEU A 170 9.34 -10.64 10.14
C LEU A 170 8.69 -11.51 9.07
N LEU A 171 9.16 -12.75 8.93
CA LEU A 171 8.50 -13.79 8.16
C LEU A 171 7.67 -14.67 9.10
N TRP A 172 6.41 -14.93 8.72
CA TRP A 172 5.49 -15.74 9.49
C TRP A 172 5.00 -16.93 8.68
N ASP A 173 4.58 -17.96 9.40
CA ASP A 173 3.91 -19.12 8.82
C ASP A 173 2.40 -18.93 9.01
N THR A 174 1.61 -18.96 7.92
CA THR A 174 0.20 -18.65 7.99
C THR A 174 -0.61 -19.81 8.58
N LYS A 175 -0.17 -21.06 8.40
CA LYS A 175 -0.89 -22.20 8.96
C LYS A 175 -0.84 -22.15 10.49
N THR A 176 0.30 -21.78 11.09
CA THR A 176 0.42 -21.73 12.55
C THR A 176 0.18 -20.32 13.08
N MET A 177 0.25 -19.30 12.21
CA MET A 177 0.29 -17.91 12.62
C MET A 177 1.37 -17.67 13.68
N LYS A 178 2.52 -18.33 13.50
CA LYS A 178 3.69 -18.11 14.33
C LYS A 178 4.79 -17.44 13.49
N GLN A 179 5.62 -16.62 14.14
CA GLN A 179 6.82 -16.10 13.50
C GLN A 179 7.79 -17.23 13.21
N GLN A 180 8.43 -17.21 12.04
CA GLN A 180 9.45 -18.17 11.67
C GLN A 180 10.85 -17.57 11.79
N LEU A 181 11.04 -16.35 11.28
CA LEU A 181 12.34 -15.69 11.32
C LEU A 181 12.19 -14.20 11.11
N GLN A 182 13.27 -13.46 11.35
CA GLN A 182 13.36 -12.07 10.94
C GLN A 182 14.58 -11.87 10.05
N PHE A 183 14.44 -11.06 8.99
CA PHE A 183 15.56 -10.74 8.12
C PHE A 183 16.42 -9.63 8.70
N SER A 184 17.72 -9.89 8.79
CA SER A 184 18.67 -8.84 9.14
C SER A 184 18.63 -7.74 8.08
N LEU A 185 18.70 -6.48 8.55
CA LEU A 185 18.72 -5.31 7.68
C LEU A 185 20.09 -4.64 7.76
N ASP A 186 20.68 -4.41 6.57
N ASP A 186 20.75 -4.46 6.60
CA ASP A 186 21.98 -3.80 6.36
CA ASP A 186 22.04 -3.78 6.60
C ASP A 186 21.80 -2.33 5.95
C ASP A 186 21.87 -2.39 5.96
N PRO A 187 22.58 -1.36 6.47
CA PRO A 187 23.59 -1.56 7.51
C PRO A 187 23.10 -1.66 8.95
N GLU A 188 21.86 -1.22 9.16
CA GLU A 188 21.29 -1.06 10.49
C GLU A 188 19.82 -1.43 10.45
N PRO A 189 19.22 -1.90 11.57
CA PRO A 189 17.77 -1.95 11.71
C PRO A 189 17.16 -0.64 11.25
N ILE A 190 16.04 -0.71 10.53
CA ILE A 190 15.41 0.50 10.01
C ILE A 190 13.95 0.20 9.75
N ALA A 191 13.11 1.22 9.90
CA ALA A 191 11.68 1.08 9.67
C ALA A 191 11.44 0.81 8.18
N ILE A 192 10.77 -0.30 7.90
CA ILE A 192 10.33 -0.60 6.54
C ILE A 192 8.88 -0.15 6.36
N ASN A 193 8.67 0.67 5.32
CA ASN A 193 7.39 1.31 5.09
C ASN A 193 6.50 0.51 4.16
N CYS A 194 7.10 -0.28 3.25
CA CYS A 194 6.34 -0.91 2.18
C CYS A 194 7.00 -2.21 1.77
N THR A 195 6.15 -3.17 1.35
CA THR A 195 6.55 -4.53 1.04
C THR A 195 5.70 -4.99 -0.15
N ALA A 196 6.29 -5.80 -1.04
CA ALA A 196 5.52 -6.44 -2.08
C ALA A 196 6.24 -7.70 -2.56
N PHE A 197 5.42 -8.73 -2.78
CA PHE A 197 5.88 -10.00 -3.34
C PHE A 197 5.77 -9.93 -4.86
N ASN A 198 6.64 -10.66 -5.57
CA ASN A 198 6.43 -10.92 -6.98
C ASN A 198 5.30 -11.94 -7.15
N HIS A 199 5.05 -12.34 -8.41
CA HIS A 199 3.89 -13.16 -8.73
C HIS A 199 3.99 -14.55 -8.10
N ASN A 200 5.18 -15.17 -8.11
CA ASN A 200 5.36 -16.50 -7.56
C ASN A 200 5.60 -16.48 -6.04
N GLY A 201 6.07 -15.34 -5.50
CA GLY A 201 6.30 -15.22 -4.06
C GLY A 201 7.75 -15.50 -3.69
N ASN A 202 8.59 -15.80 -4.68
CA ASN A 202 9.97 -16.13 -4.42
C ASN A 202 10.80 -14.85 -4.20
N LEU A 203 10.24 -13.67 -4.53
CA LEU A 203 10.93 -12.43 -4.23
C LEU A 203 10.00 -11.49 -3.47
N LEU A 204 10.64 -10.68 -2.62
CA LEU A 204 9.96 -9.67 -1.82
C LEU A 204 10.78 -8.39 -1.94
N VAL A 205 10.13 -7.31 -2.37
CA VAL A 205 10.81 -6.04 -2.46
C VAL A 205 10.29 -5.15 -1.34
N THR A 206 11.18 -4.39 -0.69
CA THR A 206 10.85 -3.51 0.41
C THR A 206 11.46 -2.13 0.18
N GLY A 207 10.81 -1.10 0.73
CA GLY A 207 11.37 0.24 0.84
C GLY A 207 11.30 0.72 2.28
N ALA A 208 12.32 1.47 2.70
CA ALA A 208 12.49 1.81 4.10
C ALA A 208 12.66 3.31 4.29
N ALA A 209 12.66 3.71 5.56
CA ALA A 209 12.77 5.10 5.94
C ALA A 209 14.14 5.66 5.61
N ASP A 210 15.15 4.82 5.41
CA ASP A 210 16.49 5.29 5.10
C ASP A 210 16.65 5.51 3.59
N GLY A 211 15.58 5.33 2.82
CA GLY A 211 15.58 5.57 1.38
C GLY A 211 16.11 4.38 0.58
N VAL A 212 16.35 3.25 1.25
CA VAL A 212 16.95 2.09 0.61
C VAL A 212 15.87 1.07 0.29
N ILE A 213 15.98 0.50 -0.92
CA ILE A 213 15.16 -0.61 -1.36
C ILE A 213 15.99 -1.87 -1.13
N ARG A 214 15.34 -2.90 -0.60
CA ARG A 214 15.96 -4.18 -0.33
C ARG A 214 15.08 -5.26 -0.91
N LEU A 215 15.68 -6.07 -1.77
CA LEU A 215 14.99 -7.15 -2.45
C LEU A 215 15.42 -8.48 -1.81
N PHE A 216 14.44 -9.24 -1.31
CA PHE A 216 14.73 -10.47 -0.58
C PHE A 216 14.39 -11.69 -1.44
N ASP A 217 15.35 -12.62 -1.50
CA ASP A 217 15.13 -13.97 -1.98
C ASP A 217 14.42 -14.74 -0.87
N MET A 218 13.19 -15.16 -1.10
CA MET A 218 12.36 -15.73 -0.05
C MET A 218 12.50 -17.25 0.03
N GLN A 219 13.42 -17.82 -0.76
CA GLN A 219 13.76 -19.24 -0.70
C GLN A 219 15.00 -19.44 0.15
N GLN A 220 16.01 -18.56 -0.04
CA GLN A 220 17.25 -18.59 0.70
C GLN A 220 17.17 -17.70 1.94
N HIS A 221 16.09 -16.92 2.06
CA HIS A 221 15.94 -15.97 3.14
C HIS A 221 17.15 -15.05 3.25
N GLU A 222 17.53 -14.40 2.15
CA GLU A 222 18.58 -13.39 2.21
C GLU A 222 18.27 -12.20 1.29
N CYS A 223 18.90 -11.07 1.60
CA CYS A 223 18.89 -9.91 0.72
C CYS A 223 19.68 -10.22 -0.55
N ALA A 224 18.97 -10.34 -1.68
CA ALA A 224 19.63 -10.59 -2.95
C ALA A 224 20.25 -9.30 -3.50
N MET A 225 19.71 -8.14 -3.10
CA MET A 225 20.01 -6.89 -3.79
C MET A 225 19.48 -5.74 -2.95
N SER A 226 20.29 -4.69 -2.81
CA SER A 226 19.80 -3.47 -2.22
C SER A 226 20.51 -2.24 -2.81
N TRP A 227 19.81 -1.11 -2.83
CA TRP A 227 20.36 0.12 -3.37
C TRP A 227 19.64 1.31 -2.77
N ARG A 228 20.36 2.42 -2.71
CA ARG A 228 19.81 3.71 -2.35
C ARG A 228 18.85 4.15 -3.46
N ALA A 229 17.59 4.36 -3.10
CA ALA A 229 16.57 4.60 -4.11
C ALA A 229 16.15 6.06 -4.13
N HIS A 230 15.92 6.62 -2.92
CA HIS A 230 15.38 7.95 -2.78
C HIS A 230 16.17 8.73 -1.73
N TYR A 231 16.15 10.06 -1.87
N TYR A 231 16.16 10.05 -1.88
CA TYR A 231 16.59 10.95 -0.82
CA TYR A 231 16.58 10.96 -0.82
C TYR A 231 15.41 11.14 0.13
C TYR A 231 15.39 11.10 0.12
N GLY A 232 15.53 10.57 1.34
CA GLY A 232 14.40 10.45 2.26
C GLY A 232 13.75 9.09 2.09
N GLU A 233 12.50 8.97 2.56
CA GLU A 233 11.83 7.69 2.70
C GLU A 233 11.33 7.15 1.37
N VAL A 234 11.37 5.83 1.24
CA VAL A 234 10.60 5.13 0.23
C VAL A 234 9.18 4.88 0.76
N TYR A 235 8.16 5.21 -0.06
CA TYR A 235 6.78 5.09 0.36
C TYR A 235 6.05 3.88 -0.24
N SER A 236 6.33 3.55 -1.51
CA SER A 236 5.68 2.42 -2.16
C SER A 236 6.66 1.77 -3.14
N VAL A 237 6.53 0.45 -3.25
CA VAL A 237 7.33 -0.37 -4.15
C VAL A 237 6.41 -1.40 -4.80
N GLU A 238 6.77 -1.83 -6.01
CA GLU A 238 5.98 -2.76 -6.80
C GLU A 238 6.84 -3.36 -7.89
N PHE A 239 6.58 -4.63 -8.22
CA PHE A 239 7.18 -5.29 -9.37
C PHE A 239 6.41 -4.86 -10.62
N SER A 240 7.11 -4.66 -11.74
CA SER A 240 6.46 -4.52 -13.03
C SER A 240 5.78 -5.85 -13.39
N TYR A 241 4.81 -5.79 -14.31
CA TYR A 241 4.10 -6.97 -14.75
C TYR A 241 5.10 -8.05 -15.18
N ASP A 242 6.16 -7.68 -15.89
CA ASP A 242 7.10 -8.64 -16.47
C ASP A 242 8.20 -8.99 -15.49
N GLU A 243 8.32 -8.20 -14.41
CA GLU A 243 9.25 -8.44 -13.33
C GLU A 243 10.69 -8.23 -13.76
N ASN A 244 10.91 -7.38 -14.78
CA ASN A 244 12.29 -7.01 -15.09
C ASN A 244 12.67 -5.74 -14.32
N THR A 245 11.68 -5.05 -13.75
CA THR A 245 11.95 -3.82 -13.01
C THR A 245 11.09 -3.78 -11.75
N VAL A 246 11.48 -2.92 -10.81
CA VAL A 246 10.59 -2.52 -9.74
C VAL A 246 10.38 -1.01 -9.81
N TYR A 247 9.17 -0.59 -9.46
CA TYR A 247 8.83 0.82 -9.38
C TYR A 247 8.84 1.26 -7.92
N SER A 248 9.31 2.48 -7.68
CA SER A 248 9.27 3.05 -6.35
C SER A 248 8.87 4.51 -6.42
N ILE A 249 8.34 4.98 -5.29
CA ILE A 249 7.95 6.36 -5.09
C ILE A 249 8.34 6.73 -3.67
N GLY A 250 8.91 7.93 -3.51
CA GLY A 250 9.57 8.32 -2.27
C GLY A 250 9.41 9.81 -1.95
N GLU A 251 9.98 10.17 -0.79
CA GLU A 251 9.81 11.47 -0.17
C GLU A 251 10.36 12.61 -1.05
N ASP A 252 11.28 12.29 -1.96
CA ASP A 252 11.87 13.30 -2.85
C ASP A 252 10.92 13.58 -4.01
N GLY A 253 9.74 12.95 -4.02
CA GLY A 253 8.77 13.23 -5.06
C GLY A 253 9.07 12.50 -6.36
N LYS A 254 10.12 11.66 -6.38
CA LYS A 254 10.45 10.93 -7.60
C LYS A 254 9.68 9.62 -7.68
N PHE A 255 9.27 9.28 -8.91
CA PHE A 255 8.84 7.95 -9.29
C PHE A 255 9.93 7.34 -10.16
N ILE A 256 10.48 6.21 -9.71
CA ILE A 256 11.62 5.63 -10.40
C ILE A 256 11.33 4.17 -10.74
N GLN A 257 11.90 3.76 -11.86
CA GLN A 257 11.83 2.38 -12.29
C GLN A 257 13.25 1.83 -12.35
N TRP A 258 13.46 0.72 -11.64
CA TRP A 258 14.80 0.18 -11.45
C TRP A 258 14.93 -1.15 -12.17
N ASN A 259 16.16 -1.41 -12.61
CA ASN A 259 16.53 -2.65 -13.26
C ASN A 259 16.71 -3.69 -12.17
N ILE A 260 15.91 -4.76 -12.21
CA ILE A 260 15.94 -5.75 -11.16
C ILE A 260 17.17 -6.65 -11.31
N HIS A 261 17.83 -6.62 -12.49
CA HIS A 261 18.95 -7.49 -12.80
C HIS A 261 20.28 -6.84 -12.43
N LYS A 262 20.28 -5.52 -12.19
CA LYS A 262 21.50 -4.78 -11.91
C LYS A 262 21.22 -3.70 -10.86
N SER A 263 21.89 -3.84 -9.71
CA SER A 263 21.45 -3.18 -8.49
C SER A 263 21.63 -1.67 -8.61
N GLY A 264 20.53 -0.92 -8.50
CA GLY A 264 20.58 0.53 -8.46
C GLY A 264 20.64 1.19 -9.85
N LEU A 265 20.51 0.38 -10.91
CA LEU A 265 20.53 0.92 -12.26
C LEU A 265 19.11 1.39 -12.61
N LYS A 266 18.97 2.69 -12.93
CA LYS A 266 17.68 3.26 -13.28
C LYS A 266 17.34 2.90 -14.72
N VAL A 267 16.05 2.69 -14.97
CA VAL A 267 15.50 2.57 -16.30
C VAL A 267 14.80 3.88 -16.66
N SER A 268 14.00 4.41 -15.74
CA SER A 268 13.37 5.70 -15.96
C SER A 268 13.13 6.38 -14.61
N GLU A 269 12.87 7.68 -14.69
CA GLU A 269 12.81 8.53 -13.52
C GLU A 269 11.97 9.74 -13.89
N TYR A 270 11.03 10.08 -13.01
CA TYR A 270 10.14 11.20 -13.21
C TYR A 270 9.97 11.92 -11.88
N SER A 271 9.86 13.24 -11.95
CA SER A 271 9.44 14.05 -10.83
C SER A 271 7.94 14.23 -10.92
N LEU A 272 7.18 13.56 -10.05
CA LEU A 272 5.73 13.71 -10.06
C LEU A 272 5.38 15.05 -9.45
N PRO A 273 4.16 15.58 -9.73
CA PRO A 273 3.65 16.73 -8.99
C PRO A 273 3.79 16.43 -7.49
N SER A 274 4.02 17.48 -6.69
CA SER A 274 4.26 17.29 -5.27
C SER A 274 3.02 16.73 -4.57
N ASP A 275 1.83 16.95 -5.13
CA ASP A 275 0.60 16.40 -4.56
C ASP A 275 0.44 14.89 -4.81
N ALA A 276 1.39 14.26 -5.52
CA ALA A 276 1.46 12.81 -5.59
C ALA A 276 2.08 12.23 -4.32
N THR A 277 2.95 12.98 -3.62
CA THR A 277 3.70 12.44 -2.50
C THR A 277 3.47 13.21 -1.20
N GLY A 278 2.77 14.34 -1.28
CA GLY A 278 2.44 15.06 -0.06
C GLY A 278 3.68 15.76 0.50
N PRO A 279 3.76 16.10 1.79
CA PRO A 279 2.78 15.71 2.80
C PRO A 279 1.42 16.29 2.43
N PHE A 280 0.36 15.60 2.83
CA PHE A 280 -0.99 15.96 2.41
C PHE A 280 -1.60 16.84 3.49
N VAL A 281 -2.14 18.01 3.08
CA VAL A 281 -2.59 19.04 4.01
C VAL A 281 -4.03 19.41 3.71
N LEU A 282 -4.88 19.33 4.73
CA LEU A 282 -6.23 19.89 4.69
C LEU A 282 -6.32 21.02 5.71
N SER A 283 -6.45 22.27 5.22
CA SER A 283 -6.45 23.45 6.08
C SER A 283 -7.87 23.82 6.54
N TYR A 285 -12.71 26.61 8.76
CA TYR A 285 -12.13 27.59 9.74
C TYR A 285 -10.70 27.92 9.34
N SER A 286 -10.03 28.70 10.19
CA SER A 286 -8.61 29.00 10.04
C SER A 286 -7.89 28.60 11.32
N GLY A 287 -6.55 28.68 11.25
CA GLY A 287 -5.66 28.28 12.33
C GLY A 287 -5.27 26.80 12.25
N TYR A 288 -6.26 25.95 11.97
CA TYR A 288 -6.14 24.51 12.13
C TYR A 288 -5.84 23.85 10.80
N LYS A 289 -4.88 22.92 10.79
CA LYS A 289 -4.66 22.10 9.62
C LYS A 289 -4.39 20.66 10.04
N GLN A 290 -4.73 19.75 9.12
CA GLN A 290 -4.44 18.33 9.23
C GLN A 290 -3.33 17.98 8.24
N VAL A 291 -2.34 17.23 8.70
CA VAL A 291 -1.17 16.90 7.90
C VAL A 291 -1.00 15.38 7.92
N GLN A 292 -0.94 14.75 6.72
CA GLN A 292 -0.79 13.31 6.61
C GLN A 292 0.42 13.01 5.74
N VAL A 293 1.37 12.27 6.29
CA VAL A 293 2.51 11.79 5.52
C VAL A 293 2.08 10.47 4.86
N PRO A 294 2.62 10.12 3.67
CA PRO A 294 2.24 8.88 3.01
C PRO A 294 2.40 7.69 3.93
N ARG A 295 1.37 6.85 4.00
CA ARG A 295 1.38 5.66 4.82
C ARG A 295 0.80 4.50 4.00
N GLY A 296 -0.30 4.77 3.27
CA GLY A 296 -0.87 3.80 2.36
C GLY A 296 -0.16 3.81 1.00
N ARG A 297 -0.63 2.93 0.12
N ARG A 297 -0.60 2.90 0.13
CA ARG A 297 -0.19 2.80 -1.27
CA ARG A 297 -0.14 2.84 -1.25
C ARG A 297 -0.38 4.09 -2.07
C ARG A 297 -0.35 4.18 -1.95
N LEU A 298 0.70 4.67 -2.61
CA LEU A 298 0.62 5.92 -3.35
C LEU A 298 0.40 5.68 -4.84
N PHE A 299 0.66 4.47 -5.34
CA PHE A 299 0.48 4.19 -6.76
C PHE A 299 -0.19 2.82 -6.89
N ALA A 300 -0.96 2.63 -7.97
CA ALA A 300 -1.51 1.33 -8.32
C ALA A 300 -1.54 1.19 -9.84
N PHE A 301 -1.66 -0.06 -10.31
CA PHE A 301 -1.46 -0.38 -11.71
C PHE A 301 -2.63 -1.17 -12.28
N ASP A 302 -2.85 -1.06 -13.60
CA ASP A 302 -3.85 -1.87 -14.29
C ASP A 302 -3.30 -3.28 -14.40
N SER A 303 -4.14 -4.20 -14.87
CA SER A 303 -3.88 -5.63 -14.73
C SER A 303 -2.60 -6.04 -15.45
N GLU A 304 -2.24 -5.31 -16.52
CA GLU A 304 -1.12 -5.67 -17.37
C GLU A 304 0.07 -4.75 -17.11
N GLY A 305 -0.11 -3.76 -16.24
CA GLY A 305 1.00 -2.92 -15.81
C GLY A 305 1.38 -1.88 -16.87
N ASN A 306 0.39 -1.43 -17.65
CA ASN A 306 0.61 -0.43 -18.69
C ASN A 306 0.26 0.98 -18.20
N TYR A 307 -0.61 1.08 -17.18
CA TYR A 307 -1.05 2.38 -16.67
C TYR A 307 -0.89 2.42 -15.14
N MET A 308 -0.73 3.64 -14.61
CA MET A 308 -0.46 3.85 -13.20
C MET A 308 -1.35 4.97 -12.67
N LEU A 309 -2.08 4.65 -11.59
CA LEU A 309 -2.87 5.60 -10.85
C LEU A 309 -2.05 6.22 -9.71
N THR A 310 -2.16 7.56 -9.55
CA THR A 310 -1.44 8.32 -8.54
C THR A 310 -2.40 9.28 -7.86
N CYS A 311 -1.94 9.85 -6.75
CA CYS A 311 -2.73 10.78 -5.94
C CYS A 311 -2.64 12.19 -6.54
N SER A 312 -3.68 13.01 -6.38
CA SER A 312 -3.56 14.45 -6.54
C SER A 312 -4.57 15.16 -5.66
N ALA A 313 -4.46 16.50 -5.62
CA ALA A 313 -5.28 17.29 -4.72
C ALA A 313 -6.77 17.05 -4.99
N THR A 314 -7.13 16.74 -6.25
CA THR A 314 -8.54 16.76 -6.63
C THR A 314 -9.00 15.39 -7.15
N GLY A 315 -8.11 14.41 -7.19
CA GLY A 315 -8.50 13.07 -7.63
C GLY A 315 -7.32 12.26 -8.14
N GLY A 316 -7.63 11.00 -8.48
CA GLY A 316 -6.66 10.12 -9.10
C GLY A 316 -6.23 10.63 -10.46
N VAL A 317 -4.93 10.48 -10.73
CA VAL A 317 -4.34 10.86 -12.01
C VAL A 317 -3.62 9.65 -12.55
N ILE A 318 -3.97 9.26 -13.78
CA ILE A 318 -3.46 8.05 -14.42
C ILE A 318 -2.46 8.42 -15.51
N TYR A 319 -1.33 7.71 -15.52
CA TYR A 319 -0.28 7.86 -16.52
C TYR A 319 -0.10 6.56 -17.29
N LYS A 320 0.31 6.68 -18.56
CA LYS A 320 0.77 5.53 -19.32
C LYS A 320 2.26 5.32 -18.99
N LEU A 321 2.61 4.07 -18.66
CA LEU A 321 3.99 3.70 -18.42
C LEU A 321 4.67 3.37 -19.76
N GLY A 322 6.01 3.30 -19.72
CA GLY A 322 6.80 2.78 -20.81
C GLY A 322 7.08 3.81 -21.91
N GLY A 323 6.66 5.06 -21.71
CA GLY A 323 6.84 6.10 -22.71
C GLY A 323 8.27 6.62 -22.71
N ASP A 324 8.65 7.29 -23.80
CA ASP A 324 9.97 7.87 -23.95
C ASP A 324 9.99 9.30 -23.39
N GLU A 325 8.81 9.95 -23.32
CA GLU A 325 8.71 11.35 -22.94
C GLU A 325 9.46 11.59 -21.62
N LYS A 326 10.14 12.73 -21.52
CA LYS A 326 11.00 13.06 -20.39
C LYS A 326 10.16 13.60 -19.23
N VAL A 327 8.99 14.21 -19.55
CA VAL A 327 8.01 14.63 -18.56
C VAL A 327 6.78 13.73 -18.70
N LEU A 328 6.37 13.09 -17.60
CA LEU A 328 5.19 12.22 -17.62
C LEU A 328 3.94 13.08 -17.81
N GLU A 329 3.16 12.76 -18.84
CA GLU A 329 1.91 13.46 -19.13
C GLU A 329 0.74 12.58 -18.71
N SER A 330 -0.14 13.19 -17.90
CA SER A 330 -1.41 12.63 -17.47
C SER A 330 -2.26 12.22 -18.67
N CYS A 331 -2.78 10.98 -18.66
CA CYS A 331 -3.65 10.54 -19.74
C CYS A 331 -5.11 10.46 -19.29
N LEU A 332 -5.37 10.43 -17.97
CA LEU A 332 -6.73 10.45 -17.49
C LEU A 332 -6.78 10.95 -16.04
N SER A 333 -7.70 11.88 -15.77
CA SER A 333 -7.89 12.43 -14.44
C SER A 333 -9.30 12.10 -13.98
N LEU A 334 -9.42 11.29 -12.92
CA LEU A 334 -10.70 10.75 -12.48
C LEU A 334 -11.49 11.78 -11.67
N GLY A 335 -10.78 12.76 -11.08
CA GLY A 335 -11.43 13.85 -10.36
C GLY A 335 -12.36 13.37 -9.26
N GLY A 336 -13.21 14.32 -8.80
CA GLY A 336 -14.29 14.01 -7.89
C GLY A 336 -13.96 14.31 -6.43
N HIS A 337 -12.75 14.78 -6.12
CA HIS A 337 -12.38 14.99 -4.72
C HIS A 337 -12.29 16.48 -4.39
N ARG A 338 -12.75 16.81 -3.17
CA ARG A 338 -12.76 18.16 -2.63
C ARG A 338 -11.72 18.28 -1.50
N ALA A 339 -10.96 17.20 -1.27
CA ALA A 339 -9.86 17.18 -0.33
C ALA A 339 -8.75 16.29 -0.90
N PRO A 340 -7.47 16.47 -0.49
CA PRO A 340 -6.38 15.67 -1.05
C PRO A 340 -6.57 14.16 -0.99
N VAL A 341 -6.28 13.51 -2.12
CA VAL A 341 -6.20 12.06 -2.19
C VAL A 341 -4.87 11.63 -1.61
N VAL A 342 -4.90 10.63 -0.73
CA VAL A 342 -3.74 10.21 0.04
C VAL A 342 -3.40 8.74 -0.20
N THR A 343 -4.33 7.97 -0.77
CA THR A 343 -4.01 6.59 -1.12
C THR A 343 -4.99 6.13 -2.21
N VAL A 344 -4.57 5.12 -2.97
CA VAL A 344 -5.31 4.66 -4.13
C VAL A 344 -5.23 3.13 -4.19
N ASP A 345 -6.10 2.54 -5.02
CA ASP A 345 -5.96 1.15 -5.41
C ASP A 345 -6.57 0.97 -6.81
N TRP A 346 -6.15 -0.11 -7.47
CA TRP A 346 -6.64 -0.43 -8.80
C TRP A 346 -6.74 -1.95 -8.89
N SER A 347 -7.98 -2.45 -9.05
CA SER A 347 -8.28 -3.87 -9.14
C SER A 347 -9.00 -4.16 -10.47
N THR A 348 -8.77 -5.34 -11.04
CA THR A 348 -9.49 -5.78 -12.24
C THR A 348 -10.12 -7.14 -11.94
N ALA A 349 -11.43 -7.27 -12.22
CA ALA A 349 -12.13 -8.54 -12.11
C ALA A 349 -13.34 -8.52 -13.04
N MET A 350 -13.58 -9.67 -13.70
CA MET A 350 -14.63 -9.78 -14.70
C MET A 350 -14.29 -8.86 -15.87
N ASP A 351 -13.00 -8.76 -16.19
CA ASP A 351 -12.49 -7.91 -17.25
C ASP A 351 -13.04 -6.48 -17.09
N CYS A 352 -13.04 -5.97 -15.85
CA CYS A 352 -13.44 -4.60 -15.58
C CYS A 352 -12.61 -4.00 -14.45
N GLY A 353 -12.05 -2.81 -14.68
CA GLY A 353 -11.19 -2.16 -13.71
C GLY A 353 -11.98 -1.34 -12.69
N THR A 354 -11.56 -1.41 -11.41
CA THR A 354 -12.08 -0.56 -10.35
C THR A 354 -10.92 0.24 -9.73
N CYS A 355 -11.03 1.56 -9.78
CA CYS A 355 -10.07 2.44 -9.16
C CYS A 355 -10.64 2.98 -7.86
N LEU A 356 -9.85 2.93 -6.78
CA LEU A 356 -10.22 3.59 -5.54
C LEU A 356 -9.34 4.82 -5.36
N THR A 357 -9.96 5.97 -5.08
CA THR A 357 -9.23 7.13 -4.63
C THR A 357 -9.79 7.58 -3.27
N ALA A 358 -8.89 7.77 -2.28
CA ALA A 358 -9.30 8.06 -0.92
C ALA A 358 -8.69 9.38 -0.42
N SER A 359 -9.52 10.22 0.20
CA SER A 359 -9.13 11.59 0.50
C SER A 359 -9.24 11.91 1.99
N MET A 360 -8.73 13.10 2.37
CA MET A 360 -8.50 13.47 3.76
C MET A 360 -9.80 13.77 4.51
N ASP A 361 -10.89 14.00 3.76
CA ASP A 361 -12.23 14.13 4.30
C ASP A 361 -12.86 12.77 4.57
N GLY A 362 -12.14 11.69 4.27
CA GLY A 362 -12.67 10.35 4.55
C GLY A 362 -13.47 9.76 3.38
N LYS A 363 -13.67 10.51 2.31
CA LYS A 363 -14.45 10.02 1.18
C LYS A 363 -13.62 9.10 0.29
N ILE A 364 -14.22 8.00 -0.17
CA ILE A 364 -13.58 7.12 -1.13
C ILE A 364 -14.41 7.09 -2.42
N LYS A 365 -13.83 7.64 -3.50
CA LYS A 365 -14.42 7.52 -4.82
C LYS A 365 -14.01 6.17 -5.43
N LEU A 366 -15.01 5.52 -6.02
CA LEU A 366 -14.85 4.24 -6.70
C LEU A 366 -15.26 4.41 -8.15
N THR A 367 -14.27 4.39 -9.04
CA THR A 367 -14.44 4.68 -10.46
C THR A 367 -14.29 3.37 -11.23
N THR A 368 -15.27 3.06 -12.10
CA THR A 368 -15.26 1.84 -12.90
C THR A 368 -14.70 2.16 -14.28
N LEU A 369 -13.63 1.46 -14.69
CA LEU A 369 -13.00 1.63 -15.99
C LEU A 369 -13.04 0.34 -16.81
N LEU A 370 -13.47 0.44 -18.09
CA LEU A 370 -13.29 -0.63 -19.07
C LEU A 370 -12.23 -0.19 -20.09
N ALA A 371 -11.37 -1.13 -20.49
CA ALA A 371 -10.23 -0.87 -21.37
C ALA A 371 -10.65 -0.98 -22.84
N HIS A 372 -10.38 0.09 -23.61
CA HIS A 372 -10.62 0.13 -25.05
C HIS A 372 -9.28 0.11 -25.80
#